data_1GXC
#
_entry.id   1GXC
#
_cell.length_a   79.824
_cell.length_b   82.884
_cell.length_c   129.857
_cell.angle_alpha   90.00
_cell.angle_beta   90.00
_cell.angle_gamma   90.00
#
_symmetry.space_group_name_H-M   'P 21 21 21'
#
loop_
_entity.id
_entity.type
_entity.pdbx_description
1 polymer 'SERINE/THREONINE-PROTEIN KINASE CHK2'
2 polymer 'SYNTHETIC PHOSPHOPEPTIDE'
3 water water
#
loop_
_entity_poly.entity_id
_entity_poly.type
_entity_poly.pdbx_seq_one_letter_code
_entity_poly.pdbx_strand_id
1 'polypeptide(L)'
;ETVSTQELYSIPEDQEPEDQEPEEPTPAPWARLWALQDGFANLECVNDNYWFGRDKSCEYCFDEPLLKRTDKYRTYSKKH
FRIFREVGPKNSYIAYIEDHSGNGTFVNTELVGKGKRRPLNNNSEIALSLSRNKVFVFFDLTVDDQSVY
;
A,D,G,J
2 'polypeptide(L)' RHFD(TPO)YLIRR B,E,H,K
#
# COMPACT_ATOMS: atom_id res chain seq x y z
N PRO A 29 27.70 -22.96 29.16
CA PRO A 29 27.71 -21.85 28.15
C PRO A 29 29.06 -21.81 27.50
N TRP A 30 29.12 -22.22 26.24
CA TRP A 30 30.39 -22.33 25.57
C TRP A 30 30.81 -21.04 24.92
N ALA A 31 29.85 -20.15 24.70
CA ALA A 31 30.15 -18.88 24.08
C ALA A 31 29.18 -17.83 24.54
N ARG A 32 29.57 -16.58 24.34
CA ARG A 32 28.76 -15.47 24.74
C ARG A 32 28.76 -14.39 23.65
N LEU A 33 27.62 -13.76 23.42
CA LEU A 33 27.57 -12.66 22.48
C LEU A 33 27.39 -11.32 23.20
N TRP A 34 28.31 -10.40 22.96
CA TRP A 34 28.22 -9.06 23.52
C TRP A 34 27.62 -8.05 22.49
N ALA A 35 26.45 -7.52 22.81
CA ALA A 35 25.78 -6.53 21.97
C ALA A 35 26.47 -5.16 21.99
N LEU A 36 26.94 -4.71 20.85
CA LEU A 36 27.59 -3.40 20.77
C LEU A 36 26.67 -2.23 20.39
N GLN A 37 25.37 -2.46 20.27
CA GLN A 37 24.44 -1.39 19.90
C GLN A 37 23.17 -1.51 20.71
N ASP A 38 22.55 -0.37 20.99
CA ASP A 38 21.27 -0.41 21.68
C ASP A 38 20.32 -1.18 20.79
N GLY A 39 19.34 -1.83 21.41
CA GLY A 39 18.33 -2.53 20.64
C GLY A 39 18.56 -4.02 20.55
N PHE A 40 19.75 -4.44 20.96
CA PHE A 40 20.09 -5.85 20.94
C PHE A 40 20.45 -6.32 22.34
N ALA A 41 20.10 -7.56 22.64
CA ALA A 41 20.42 -8.15 23.93
C ALA A 41 21.68 -9.01 23.87
N ASN A 42 22.35 -9.12 24.99
CA ASN A 42 23.49 -10.02 25.06
C ASN A 42 22.96 -11.43 24.99
N LEU A 43 23.83 -12.37 24.69
CA LEU A 43 23.41 -13.76 24.62
C LEU A 43 24.46 -14.72 25.15
N GLU A 44 24.02 -15.70 25.94
CA GLU A 44 24.92 -16.76 26.41
C GLU A 44 24.63 -17.99 25.58
N CYS A 45 25.65 -18.48 24.90
CA CYS A 45 25.44 -19.67 24.08
C CYS A 45 25.49 -20.96 24.89
N VAL A 46 24.32 -21.56 25.06
CA VAL A 46 24.18 -22.76 25.84
C VAL A 46 23.93 -23.96 24.94
N ASN A 47 22.87 -23.87 24.16
CA ASN A 47 22.53 -24.91 23.24
C ASN A 47 23.56 -24.95 22.11
N ASP A 48 23.41 -25.93 21.22
CA ASP A 48 24.31 -26.12 20.11
C ASP A 48 23.98 -25.26 18.91
N ASN A 49 22.84 -24.59 18.93
CA ASN A 49 22.46 -23.81 17.75
C ASN A 49 21.51 -22.66 17.99
N TYR A 50 21.77 -21.54 17.34
CA TYR A 50 20.97 -20.33 17.53
C TYR A 50 20.74 -19.64 16.22
N TRP A 51 19.48 -19.29 15.96
CA TRP A 51 19.12 -18.48 14.80
C TRP A 51 18.93 -17.03 15.22
N PHE A 52 19.46 -16.09 14.43
CA PHE A 52 19.29 -14.65 14.65
C PHE A 52 18.57 -14.06 13.44
N GLY A 53 17.49 -13.31 13.68
CA GLY A 53 16.73 -12.73 12.58
C GLY A 53 15.43 -12.15 13.07
N ARG A 54 14.71 -11.50 12.16
CA ARG A 54 13.45 -10.85 12.52
C ARG A 54 12.32 -11.83 12.76
N ASP A 55 12.39 -12.98 12.12
CA ASP A 55 11.35 -14.00 12.19
C ASP A 55 11.14 -14.44 13.64
N LYS A 56 9.95 -14.89 14.00
CA LYS A 56 9.72 -15.31 15.38
C LYS A 56 10.26 -16.70 15.73
N SER A 57 10.55 -17.48 14.70
CA SER A 57 11.11 -18.82 14.89
C SER A 57 12.62 -18.78 15.14
N CYS A 58 13.16 -17.63 15.56
CA CYS A 58 14.59 -17.50 15.84
C CYS A 58 14.85 -17.50 17.34
N GLU A 59 15.84 -18.27 17.78
CA GLU A 59 16.15 -18.31 19.20
C GLU A 59 16.48 -16.90 19.68
N TYR A 60 17.16 -16.16 18.81
CA TYR A 60 17.49 -14.77 19.08
C TYR A 60 16.71 -13.97 18.04
N CYS A 61 15.68 -13.28 18.51
CA CYS A 61 14.82 -12.50 17.61
C CYS A 61 15.07 -11.00 17.68
N PHE A 62 15.42 -10.40 16.54
CA PHE A 62 15.58 -8.94 16.49
C PHE A 62 14.20 -8.31 16.69
N ASP A 63 13.80 -7.99 17.91
CA ASP A 63 12.45 -7.45 18.10
C ASP A 63 12.30 -6.34 19.13
N GLU A 64 13.37 -6.00 19.85
CA GLU A 64 13.26 -4.90 20.79
C GLU A 64 12.56 -3.74 20.08
N PRO A 65 11.49 -3.25 20.67
CA PRO A 65 10.75 -2.13 20.08
C PRO A 65 11.69 -1.00 19.63
N LEU A 66 12.53 -0.51 20.54
CA LEU A 66 13.50 0.55 20.22
C LEU A 66 14.18 0.36 18.87
N LEU A 67 14.53 -0.89 18.55
CA LEU A 67 15.24 -1.21 17.32
C LEU A 67 14.39 -1.12 16.05
N LYS A 68 13.14 -1.54 16.13
CA LYS A 68 12.24 -1.52 14.97
C LYS A 68 12.01 -0.14 14.40
N ARG A 69 12.65 0.88 14.97
CA ARG A 69 12.44 2.22 14.48
C ARG A 69 13.69 2.81 13.87
N THR A 70 14.76 2.03 13.91
CA THR A 70 16.08 2.48 13.47
C THR A 70 16.38 2.38 11.96
N ASP A 71 15.43 1.98 11.12
CA ASP A 71 15.74 1.92 9.69
C ASP A 71 16.78 0.82 9.36
N LYS A 72 17.88 0.72 10.09
CA LYS A 72 18.81 -0.37 9.80
C LYS A 72 18.12 -1.72 10.01
N TYR A 73 17.17 -1.73 10.94
CA TYR A 73 16.40 -2.91 11.27
C TYR A 73 15.69 -3.43 10.02
N ARG A 74 15.36 -2.50 9.14
CA ARG A 74 14.68 -2.77 7.91
C ARG A 74 15.61 -3.50 6.91
N THR A 75 16.91 -3.42 7.15
CA THR A 75 17.84 -4.11 6.24
C THR A 75 18.25 -5.47 6.77
N TYR A 76 17.74 -5.85 7.94
CA TYR A 76 18.09 -7.14 8.50
C TYR A 76 17.09 -8.13 7.97
N SER A 77 17.50 -9.38 7.80
CA SER A 77 16.61 -10.40 7.24
C SER A 77 15.77 -11.12 8.29
N LYS A 78 14.71 -11.75 7.81
CA LYS A 78 13.85 -12.56 8.63
C LYS A 78 14.69 -13.66 9.28
N LYS A 79 15.54 -14.30 8.49
CA LYS A 79 16.52 -15.26 8.99
C LYS A 79 17.87 -14.72 8.59
N HIS A 80 18.54 -14.02 9.47
CA HIS A 80 19.77 -13.37 9.05
C HIS A 80 20.99 -14.29 9.11
N PHE A 81 21.24 -14.91 10.26
CA PHE A 81 22.37 -15.81 10.36
C PHE A 81 22.22 -16.79 11.52
N ARG A 82 23.13 -17.75 11.62
CA ARG A 82 23.10 -18.65 12.76
C ARG A 82 24.48 -18.96 13.32
N ILE A 83 24.52 -19.32 14.60
CA ILE A 83 25.77 -19.66 15.24
C ILE A 83 25.56 -21.03 15.81
N PHE A 84 26.47 -21.94 15.53
CA PHE A 84 26.35 -23.26 16.08
C PHE A 84 27.68 -23.89 16.34
N ARG A 85 27.65 -24.87 17.21
CA ARG A 85 28.84 -25.59 17.63
C ARG A 85 28.60 -27.00 17.16
N GLU A 86 29.63 -27.61 16.58
CA GLU A 86 29.52 -28.95 16.01
C GLU A 86 30.80 -29.77 16.17
N VAL A 87 30.66 -31.07 16.40
CA VAL A 87 31.85 -31.92 16.52
C VAL A 87 32.47 -32.03 15.14
N GLY A 88 33.63 -31.42 14.95
CA GLY A 88 34.31 -31.41 13.68
C GLY A 88 34.90 -32.77 13.33
N PRO A 89 35.78 -32.79 12.32
CA PRO A 89 36.37 -34.06 11.88
C PRO A 89 37.33 -34.59 12.93
N LYS A 90 38.11 -33.71 13.56
CA LYS A 90 39.12 -34.11 14.56
C LYS A 90 38.50 -34.56 15.87
N ASN A 91 37.18 -34.77 15.85
CA ASN A 91 36.42 -35.18 17.01
C ASN A 91 36.52 -34.17 18.15
N SER A 92 36.45 -32.90 17.77
CA SER A 92 36.49 -31.78 18.71
C SER A 92 35.49 -30.67 18.30
N TYR A 93 34.79 -30.11 19.28
CA TYR A 93 33.82 -29.05 19.01
C TYR A 93 34.43 -27.92 18.20
N ILE A 94 33.65 -27.39 17.27
CA ILE A 94 34.06 -26.24 16.49
C ILE A 94 32.87 -25.31 16.33
N ALA A 95 33.13 -24.01 16.39
CA ALA A 95 32.09 -23.01 16.29
C ALA A 95 31.98 -22.52 14.87
N TYR A 96 30.75 -22.27 14.42
CA TYR A 96 30.54 -21.80 13.07
C TYR A 96 29.53 -20.65 12.99
N ILE A 97 29.73 -19.79 12.00
CA ILE A 97 28.73 -18.80 11.68
C ILE A 97 28.26 -19.06 10.23
N GLU A 98 26.95 -19.10 10.03
CA GLU A 98 26.40 -19.38 8.71
C GLU A 98 25.46 -18.24 8.38
N ASP A 99 25.67 -17.67 7.20
CA ASP A 99 24.96 -16.46 6.79
C ASP A 99 23.78 -16.77 5.90
N HIS A 100 22.67 -16.06 6.09
CA HIS A 100 21.51 -16.39 5.29
C HIS A 100 20.79 -15.15 4.84
N SER A 101 21.38 -14.02 5.17
CA SER A 101 20.76 -12.72 4.93
C SER A 101 20.83 -12.30 3.48
N GLY A 102 20.02 -11.30 3.15
CA GLY A 102 20.03 -10.71 1.84
C GLY A 102 21.08 -9.62 1.78
N ASN A 103 21.27 -8.86 2.84
CA ASN A 103 22.26 -7.79 2.76
C ASN A 103 23.65 -8.21 3.21
N GLY A 104 23.78 -9.31 3.95
CA GLY A 104 25.08 -9.78 4.36
C GLY A 104 25.36 -9.95 5.84
N THR A 105 26.12 -10.98 6.19
CA THR A 105 26.63 -11.11 7.53
C THR A 105 28.15 -11.03 7.43
N PHE A 106 28.77 -10.14 8.19
CA PHE A 106 30.23 -9.99 8.09
C PHE A 106 30.98 -10.37 9.38
N VAL A 107 32.12 -11.04 9.20
CA VAL A 107 32.97 -11.37 10.33
C VAL A 107 34.26 -10.61 10.18
N ASN A 108 34.58 -9.80 11.18
CA ASN A 108 35.76 -8.95 11.11
C ASN A 108 35.83 -8.27 9.77
N THR A 109 34.70 -7.72 9.32
CA THR A 109 34.69 -6.94 8.09
C THR A 109 34.47 -7.77 6.83
N GLU A 110 34.78 -9.06 6.91
CA GLU A 110 34.68 -9.94 5.75
C GLU A 110 33.31 -10.56 5.56
N LEU A 111 32.74 -10.40 4.36
CA LEU A 111 31.43 -10.97 4.06
C LEU A 111 31.46 -12.49 4.11
N VAL A 112 30.54 -13.07 4.86
CA VAL A 112 30.43 -14.52 4.90
C VAL A 112 29.78 -15.05 3.62
N GLY A 113 28.81 -14.32 3.10
CA GLY A 113 28.14 -14.70 1.87
C GLY A 113 26.91 -15.55 2.05
N LYS A 114 25.87 -15.25 1.29
CA LYS A 114 24.61 -15.95 1.46
C LYS A 114 24.78 -17.44 1.21
N GLY A 115 24.27 -18.25 2.14
CA GLY A 115 24.39 -19.70 2.05
C GLY A 115 25.71 -20.25 2.53
N LYS A 116 26.68 -19.39 2.79
CA LYS A 116 28.01 -19.89 3.16
C LYS A 116 28.22 -19.98 4.66
N ARG A 117 29.25 -20.71 5.06
CA ARG A 117 29.55 -20.85 6.47
C ARG A 117 31.03 -20.70 6.74
N ARG A 118 31.35 -20.35 7.97
CA ARG A 118 32.72 -20.07 8.30
C ARG A 118 32.93 -20.27 9.79
N PRO A 119 34.10 -20.78 10.17
CA PRO A 119 34.45 -20.95 11.58
C PRO A 119 34.45 -19.60 12.27
N LEU A 120 34.03 -19.59 13.53
CA LEU A 120 33.94 -18.39 14.34
C LEU A 120 34.91 -18.43 15.54
N ASN A 121 35.96 -17.63 15.50
CA ASN A 121 36.95 -17.62 16.57
C ASN A 121 36.69 -16.57 17.62
N ASN A 122 37.33 -16.73 18.76
CA ASN A 122 37.20 -15.80 19.85
C ASN A 122 37.53 -14.36 19.42
N ASN A 123 36.79 -13.40 19.96
CA ASN A 123 36.99 -11.98 19.68
C ASN A 123 36.52 -11.54 18.29
N SER A 124 35.74 -12.39 17.64
CA SER A 124 35.20 -12.03 16.32
C SER A 124 34.09 -10.99 16.40
N GLU A 125 34.20 -9.99 15.55
CA GLU A 125 33.17 -8.96 15.48
C GLU A 125 32.19 -9.29 14.37
N ILE A 126 30.91 -9.21 14.68
CA ILE A 126 29.88 -9.51 13.68
C ILE A 126 29.13 -8.26 13.28
N ALA A 127 29.11 -7.97 11.97
CA ALA A 127 28.39 -6.80 11.45
C ALA A 127 27.29 -7.25 10.53
N LEU A 128 26.16 -6.52 10.52
CA LEU A 128 25.05 -6.88 9.63
C LEU A 128 24.79 -5.81 8.59
N SER A 129 24.49 -6.29 7.40
CA SER A 129 24.13 -5.44 6.25
C SER A 129 25.24 -4.59 5.72
N LEU A 130 25.95 -3.88 6.58
CA LEU A 130 27.08 -3.07 6.15
C LEU A 130 28.30 -3.65 6.88
N SER A 131 29.44 -3.72 6.21
CA SER A 131 30.64 -4.36 6.75
C SER A 131 31.21 -3.69 7.99
N ARG A 132 30.69 -2.53 8.35
CA ARG A 132 31.24 -1.82 9.48
C ARG A 132 30.17 -1.64 10.52
N ASN A 133 29.01 -2.18 10.24
CA ASN A 133 27.92 -2.03 11.17
C ASN A 133 27.96 -3.11 12.27
N LYS A 134 28.97 -3.03 13.13
CA LYS A 134 29.14 -3.99 14.23
C LYS A 134 27.90 -4.13 15.09
N VAL A 135 27.54 -5.35 15.45
CA VAL A 135 26.41 -5.56 16.34
C VAL A 135 26.77 -6.45 17.52
N PHE A 136 27.69 -7.39 17.30
CA PHE A 136 28.05 -8.35 18.33
C PHE A 136 29.54 -8.65 18.36
N VAL A 137 30.03 -9.02 19.52
CA VAL A 137 31.36 -9.54 19.61
C VAL A 137 31.15 -10.95 20.13
N PHE A 138 31.86 -11.91 19.54
CA PHE A 138 31.75 -13.30 19.93
C PHE A 138 32.92 -13.66 20.83
N PHE A 139 32.64 -14.23 22.00
CA PHE A 139 33.69 -14.65 22.93
C PHE A 139 33.59 -16.16 23.11
N ASP A 140 34.67 -16.86 22.80
CA ASP A 140 34.71 -18.30 22.96
C ASP A 140 35.08 -18.63 24.39
N LEU A 141 34.14 -19.20 25.15
CA LEU A 141 34.38 -19.50 26.54
C LEU A 141 35.01 -20.87 26.72
N THR A 142 35.82 -21.29 25.75
CA THR A 142 36.34 -22.63 25.84
C THR A 142 37.72 -22.64 26.38
N VAL A 143 38.40 -21.51 26.25
CA VAL A 143 39.76 -21.41 26.76
C VAL A 143 39.70 -20.84 28.18
N ASP A 144 38.63 -20.11 28.44
CA ASP A 144 38.45 -19.43 29.72
C ASP A 144 38.24 -20.39 30.90
N HIS B 2 6.05 -11.19 8.33
CA HIS B 2 7.10 -10.13 8.41
C HIS B 2 7.37 -9.48 7.05
N PHE B 3 7.68 -8.19 7.09
CA PHE B 3 7.93 -7.43 5.89
C PHE B 3 9.16 -7.91 5.16
N ASP B 4 9.22 -7.63 3.87
CA ASP B 4 10.34 -8.04 3.07
C ASP B 4 11.53 -7.15 3.41
N TYR B 6 14.54 -4.74 3.15
CA TYR B 6 15.05 -3.65 2.28
C TYR B 6 16.46 -4.01 1.83
N LEU B 7 16.61 -4.35 0.56
CA LEU B 7 17.93 -4.67 0.03
C LEU B 7 18.75 -3.42 -0.30
N ILE B 8 19.92 -3.25 0.30
CA ILE B 8 20.68 -2.01 0.08
C ILE B 8 21.68 -2.03 -1.08
N ARG B 9 21.34 -2.76 -2.13
CA ARG B 9 22.17 -2.87 -3.32
C ARG B 9 21.36 -3.36 -4.53
N PRO C 29 1.80 5.62 13.60
CA PRO C 29 2.51 5.90 12.31
C PRO C 29 2.34 4.69 11.39
N TRP C 30 1.78 4.92 10.21
CA TRP C 30 1.48 3.81 9.33
C TRP C 30 2.62 3.60 8.33
N ALA C 31 3.47 4.61 8.21
CA ALA C 31 4.62 4.57 7.32
C ALA C 31 5.72 5.51 7.81
N ARG C 32 6.92 5.27 7.28
CA ARG C 32 8.09 6.02 7.67
C ARG C 32 8.92 6.26 6.44
N LEU C 33 9.46 7.48 6.29
CA LEU C 33 10.39 7.80 5.22
C LEU C 33 11.78 7.91 5.80
N TRP C 34 12.73 7.21 5.20
CA TRP C 34 14.10 7.25 5.63
C TRP C 34 14.87 8.12 4.64
N ALA C 35 15.45 9.21 5.11
CA ALA C 35 16.22 10.09 4.24
C ALA C 35 17.57 9.46 3.95
N LEU C 36 17.93 9.40 2.66
CA LEU C 36 19.19 8.77 2.24
C LEU C 36 20.22 9.80 1.85
N GLN C 37 19.93 11.06 2.14
CA GLN C 37 20.78 12.15 1.72
C GLN C 37 20.78 13.27 2.79
N ASP C 38 21.93 13.87 3.07
CA ASP C 38 21.95 14.95 4.05
C ASP C 38 21.14 16.12 3.52
N GLY C 39 20.50 16.85 4.42
CA GLY C 39 19.71 18.00 4.02
C GLY C 39 18.23 17.68 4.18
N PHE C 40 17.91 16.40 4.27
CA PHE C 40 16.52 15.98 4.42
C PHE C 40 16.33 15.28 5.75
N ALA C 41 15.19 15.50 6.38
CA ALA C 41 14.87 14.83 7.64
C ALA C 41 13.99 13.60 7.42
N ASN C 42 14.06 12.69 8.38
CA ASN C 42 13.20 11.53 8.36
C ASN C 42 11.78 11.96 8.62
N LEU C 43 10.84 11.10 8.28
CA LEU C 43 9.44 11.42 8.47
C LEU C 43 8.64 10.20 8.92
N GLU C 44 7.83 10.41 9.95
CA GLU C 44 6.94 9.36 10.40
C GLU C 44 5.57 9.72 9.87
N CYS C 45 5.00 8.85 9.04
CA CYS C 45 3.69 9.14 8.49
C CYS C 45 2.58 8.92 9.51
N VAL C 46 1.95 10.00 9.94
CA VAL C 46 0.87 9.92 10.91
C VAL C 46 -0.45 10.34 10.28
N ASN C 47 -0.50 11.53 9.71
CA ASN C 47 -1.71 11.95 9.01
C ASN C 47 -1.95 11.17 7.73
N ASP C 48 -3.11 11.34 7.13
CA ASP C 48 -3.44 10.60 5.94
C ASP C 48 -2.88 11.23 4.66
N ASN C 49 -2.23 12.41 4.77
CA ASN C 49 -1.69 13.10 3.61
C ASN C 49 -0.52 14.04 3.92
N TYR C 50 0.50 14.05 3.06
CA TYR C 50 1.72 14.85 3.27
C TYR C 50 2.19 15.44 1.94
N TRP C 51 2.40 16.75 1.90
CA TRP C 51 2.90 17.40 0.71
C TRP C 51 4.38 17.62 0.93
N PHE C 52 5.16 17.47 -0.14
CA PHE C 52 6.60 17.61 -0.10
C PHE C 52 6.98 18.68 -1.12
N GLY C 53 7.70 19.71 -0.67
CA GLY C 53 8.09 20.79 -1.56
C GLY C 53 8.82 21.94 -0.87
N ARG C 54 9.26 22.91 -1.69
CA ARG C 54 9.98 24.07 -1.21
C ARG C 54 9.04 25.05 -0.47
N ASP C 55 7.77 24.99 -0.85
CA ASP C 55 6.77 25.88 -0.32
C ASP C 55 6.54 25.68 1.19
N LYS C 56 6.45 26.76 1.95
CA LYS C 56 6.31 26.65 3.40
C LYS C 56 4.99 26.02 3.85
N SER C 57 4.03 25.94 2.94
CA SER C 57 2.75 25.33 3.25
C SER C 57 2.85 23.80 3.35
N CYS C 58 3.65 23.15 2.51
CA CYS C 58 3.81 21.70 2.62
C CYS C 58 4.15 21.21 4.05
N GLU C 59 3.53 20.11 4.45
CA GLU C 59 3.80 19.52 5.75
C GLU C 59 5.27 19.15 5.88
N TYR C 60 5.85 18.66 4.81
CA TYR C 60 7.26 18.37 4.79
C TYR C 60 7.87 19.38 3.87
N CYS C 61 8.68 20.29 4.41
CA CYS C 61 9.22 21.39 3.64
C CYS C 61 10.72 21.36 3.37
N PHE C 62 11.11 21.38 2.10
CA PHE C 62 12.52 21.48 1.74
C PHE C 62 13.02 22.87 2.19
N ASP C 63 13.47 22.97 3.44
CA ASP C 63 13.91 24.25 3.98
C ASP C 63 15.20 24.15 4.77
N GLU C 64 15.54 22.94 5.23
CA GLU C 64 16.78 22.69 5.95
C GLU C 64 17.82 23.67 5.41
N PRO C 65 18.27 24.59 6.23
CA PRO C 65 19.21 25.63 5.76
C PRO C 65 20.32 25.03 4.89
N LEU C 66 20.89 23.92 5.33
CA LEU C 66 21.98 23.29 4.60
C LEU C 66 21.54 22.90 3.20
N LEU C 67 20.29 22.50 3.07
CA LEU C 67 19.78 22.06 1.79
C LEU C 67 19.60 23.24 0.83
N LYS C 68 19.10 24.36 1.36
CA LYS C 68 18.86 25.58 0.58
C LYS C 68 20.11 26.13 -0.09
N ARG C 69 21.23 25.42 -0.04
CA ARG C 69 22.43 25.95 -0.65
C ARG C 69 23.11 24.89 -1.49
N THR C 70 22.37 23.82 -1.79
CA THR C 70 22.95 22.69 -2.51
C THR C 70 22.73 22.63 -4.03
N ASP C 71 22.00 23.57 -4.60
CA ASP C 71 21.83 23.54 -6.06
C ASP C 71 20.78 22.50 -6.49
N LYS C 72 20.96 21.21 -6.18
CA LYS C 72 19.88 20.31 -6.58
C LYS C 72 18.59 20.86 -6.01
N TYR C 73 18.70 21.40 -4.81
CA TYR C 73 17.58 21.99 -4.12
C TYR C 73 16.84 22.94 -5.05
N ARG C 74 17.59 23.51 -5.99
CA ARG C 74 17.03 24.45 -6.93
C ARG C 74 16.15 23.77 -7.96
N THR C 75 16.38 22.48 -8.19
CA THR C 75 15.57 21.78 -9.18
C THR C 75 14.36 21.13 -8.56
N TYR C 76 14.13 21.32 -7.28
CA TYR C 76 12.96 20.76 -6.63
C TYR C 76 11.83 21.78 -6.74
N SER C 77 10.59 21.30 -6.81
CA SER C 77 9.45 22.20 -6.97
C SER C 77 8.86 22.75 -5.68
N LYS C 78 8.11 23.85 -5.79
CA LYS C 78 7.44 24.43 -4.63
C LYS C 78 6.49 23.40 -4.06
N LYS C 79 5.84 22.67 -4.96
CA LYS C 79 4.99 21.54 -4.62
C LYS C 79 5.51 20.36 -5.46
N HIS C 80 6.33 19.52 -4.86
CA HIS C 80 6.95 18.45 -5.61
C HIS C 80 6.10 17.17 -5.70
N PHE C 81 5.73 16.63 -4.56
CA PHE C 81 4.86 15.46 -4.60
C PHE C 81 4.11 15.32 -3.30
N ARG C 82 3.19 14.37 -3.26
CA ARG C 82 2.54 14.05 -1.99
C ARG C 82 2.39 12.56 -1.86
N ILE C 83 2.31 12.11 -0.61
CA ILE C 83 2.10 10.74 -0.26
C ILE C 83 0.86 10.73 0.61
N PHE C 84 -0.07 9.80 0.32
CA PHE C 84 -1.30 9.73 1.08
C PHE C 84 -1.87 8.32 1.13
N ARG C 85 -2.83 8.09 2.05
CA ARG C 85 -3.52 6.80 2.23
C ARG C 85 -4.93 6.84 1.71
N GLU C 86 -5.52 5.67 1.53
CA GLU C 86 -6.87 5.62 1.06
C GLU C 86 -7.36 4.19 1.26
N VAL C 87 -8.57 4.01 1.74
CA VAL C 87 -9.05 2.66 1.90
C VAL C 87 -9.44 2.10 0.53
N GLY C 88 -8.94 0.92 0.18
CA GLY C 88 -9.25 0.33 -1.11
C GLY C 88 -10.37 -0.70 -1.10
N PRO C 89 -10.50 -1.39 -2.23
CA PRO C 89 -11.56 -2.37 -2.45
C PRO C 89 -11.50 -3.56 -1.49
N LYS C 90 -10.46 -3.63 -0.67
CA LYS C 90 -10.35 -4.75 0.27
C LYS C 90 -10.40 -4.32 1.72
N ASN C 91 -10.88 -3.11 1.95
CA ASN C 91 -11.02 -2.57 3.31
C ASN C 91 -9.70 -2.47 4.05
N SER C 92 -8.64 -2.20 3.29
CA SER C 92 -7.33 -1.91 3.84
C SER C 92 -6.84 -0.65 3.20
N TYR C 93 -6.09 0.11 3.97
CA TYR C 93 -5.47 1.27 3.41
C TYR C 93 -4.41 0.86 2.42
N ILE C 94 -4.30 1.67 1.37
CA ILE C 94 -3.27 1.59 0.37
C ILE C 94 -2.60 2.96 0.27
N ALA C 95 -1.28 2.96 0.34
CA ALA C 95 -0.49 4.18 0.25
C ALA C 95 -0.27 4.57 -1.22
N TYR C 96 -0.24 5.87 -1.48
CA TYR C 96 -0.05 6.32 -2.83
C TYR C 96 0.96 7.47 -2.89
N ILE C 97 1.52 7.69 -4.07
CA ILE C 97 2.38 8.84 -4.30
C ILE C 97 1.84 9.53 -5.54
N GLU C 98 1.88 10.84 -5.55
CA GLU C 98 1.39 11.59 -6.70
C GLU C 98 2.39 12.67 -7.04
N ASP C 99 2.76 12.76 -8.32
CA ASP C 99 3.79 13.67 -8.76
C ASP C 99 3.23 15.00 -9.26
N HIS C 100 3.77 16.10 -8.74
CA HIS C 100 3.32 17.42 -9.16
C HIS C 100 4.47 18.28 -9.66
N SER C 101 5.62 17.66 -9.89
CA SER C 101 6.85 18.41 -10.15
C SER C 101 7.24 18.67 -11.61
N GLY C 102 8.02 19.72 -11.80
CA GLY C 102 8.51 20.08 -13.11
C GLY C 102 9.53 19.10 -13.63
N ASN C 103 10.40 18.63 -12.76
CA ASN C 103 11.46 17.74 -13.21
C ASN C 103 11.14 16.27 -12.97
N GLY C 104 10.15 15.99 -12.15
CA GLY C 104 9.76 14.61 -11.90
C GLY C 104 10.00 14.08 -10.51
N THR C 105 9.15 13.13 -10.14
CA THR C 105 9.28 12.35 -8.93
C THR C 105 9.46 10.92 -9.42
N PHE C 106 10.44 10.21 -8.91
CA PHE C 106 10.68 8.88 -9.41
C PHE C 106 10.55 7.88 -8.31
N VAL C 107 9.96 6.75 -8.65
CA VAL C 107 9.84 5.67 -7.72
C VAL C 107 10.65 4.53 -8.30
N ASN C 108 11.59 3.99 -7.52
CA ASN C 108 12.43 2.92 -8.02
C ASN C 108 13.02 3.23 -9.40
N THR C 109 13.17 4.51 -9.74
CA THR C 109 13.81 4.84 -11.01
C THR C 109 12.81 5.18 -12.13
N GLU C 110 11.56 4.82 -11.91
CA GLU C 110 10.49 5.06 -12.88
C GLU C 110 9.82 6.39 -12.58
N LEU C 111 9.66 7.19 -13.61
CA LEU C 111 9.02 8.48 -13.47
C LEU C 111 7.54 8.30 -13.20
N VAL C 112 7.04 8.98 -12.15
CA VAL C 112 5.61 8.96 -11.89
C VAL C 112 4.88 9.83 -12.92
N GLY C 113 5.46 10.96 -13.28
CA GLY C 113 4.86 11.87 -14.24
C GLY C 113 3.94 12.94 -13.67
N LYS C 114 3.94 14.11 -14.26
CA LYS C 114 3.11 15.15 -13.70
C LYS C 114 1.62 14.85 -13.72
N GLY C 115 0.99 15.05 -12.58
CA GLY C 115 -0.44 14.86 -12.46
C GLY C 115 -0.82 13.44 -12.13
N LYS C 116 0.11 12.50 -12.18
CA LYS C 116 -0.23 11.10 -11.96
C LYS C 116 0.02 10.56 -10.55
N ARG C 117 -0.68 9.47 -10.26
CA ARG C 117 -0.55 8.75 -9.00
C ARG C 117 -0.28 7.27 -9.23
N ARG C 118 0.32 6.65 -8.23
CA ARG C 118 0.81 5.28 -8.36
C ARG C 118 0.87 4.73 -6.94
N PRO C 119 0.45 3.50 -6.74
CA PRO C 119 0.54 2.91 -5.40
C PRO C 119 1.97 2.95 -4.96
N LEU C 120 2.25 3.23 -3.68
CA LEU C 120 3.62 3.25 -3.14
C LEU C 120 3.83 2.05 -2.20
N ASN C 121 4.55 1.04 -2.65
CA ASN C 121 4.77 -0.16 -1.84
C ASN C 121 5.95 -0.08 -0.91
N ASN C 122 6.04 -1.00 0.02
CA ASN C 122 7.11 -1.02 1.00
C ASN C 122 8.45 -1.21 0.32
N ASN C 123 9.43 -0.40 0.70
CA ASN C 123 10.78 -0.53 0.19
C ASN C 123 11.05 0.26 -1.04
N SER C 124 10.16 1.17 -1.36
CA SER C 124 10.28 1.97 -2.55
C SER C 124 11.19 3.17 -2.35
N GLU C 125 12.17 3.31 -3.23
CA GLU C 125 13.07 4.45 -3.21
C GLU C 125 12.49 5.59 -4.05
N ILE C 126 12.51 6.78 -3.48
CA ILE C 126 11.93 7.91 -4.18
C ILE C 126 13.05 8.86 -4.57
N ALA C 127 13.11 9.20 -5.85
CA ALA C 127 14.15 10.10 -6.33
C ALA C 127 13.50 11.36 -6.83
N LEU C 128 14.20 12.50 -6.71
CA LEU C 128 13.66 13.78 -7.14
C LEU C 128 14.46 14.39 -8.27
N SER C 129 13.79 14.70 -9.36
CA SER C 129 14.43 15.42 -10.45
C SER C 129 15.32 14.61 -11.36
N LEU C 130 15.93 13.55 -10.85
CA LEU C 130 16.80 12.71 -11.67
C LEU C 130 16.69 11.27 -11.24
N SER C 131 16.16 10.45 -12.13
CA SER C 131 16.02 9.02 -11.94
C SER C 131 16.85 8.35 -10.84
N ARG C 132 18.10 8.77 -10.64
CA ARG C 132 18.97 8.06 -9.69
C ARG C 132 19.44 8.95 -8.54
N ASN C 133 18.70 10.02 -8.30
CA ASN C 133 18.98 10.92 -7.19
C ASN C 133 18.10 10.55 -6.01
N LYS C 134 18.39 9.41 -5.38
CA LYS C 134 17.62 8.94 -4.22
C LYS C 134 17.56 9.95 -3.09
N VAL C 135 16.36 10.15 -2.56
CA VAL C 135 16.20 11.03 -1.42
C VAL C 135 15.56 10.29 -0.24
N PHE C 136 14.60 9.42 -0.53
CA PHE C 136 13.94 8.69 0.53
C PHE C 136 13.71 7.25 0.17
N VAL C 137 13.53 6.45 1.20
CA VAL C 137 13.04 5.11 1.04
C VAL C 137 11.77 5.13 1.89
N PHE C 138 10.72 4.53 1.35
CA PHE C 138 9.45 4.50 2.00
C PHE C 138 9.26 3.15 2.66
N PHE C 139 8.96 3.11 3.95
CA PHE C 139 8.69 1.84 4.63
C PHE C 139 7.26 1.79 5.12
N ASP C 140 6.63 0.64 4.92
CA ASP C 140 5.27 0.39 5.32
C ASP C 140 5.36 -0.10 6.75
N LEU C 141 4.59 0.49 7.66
CA LEU C 141 4.63 0.06 9.05
C LEU C 141 3.39 -0.75 9.44
N THR C 142 2.49 -0.93 8.49
CA THR C 142 1.31 -1.75 8.72
C THR C 142 1.80 -3.18 8.60
N VAL C 143 2.68 -3.35 7.63
CA VAL C 143 3.34 -4.62 7.37
C VAL C 143 4.38 -4.76 8.47
N ASP C 144 5.10 -3.67 8.74
CA ASP C 144 6.10 -3.66 9.81
C ASP C 144 5.81 -4.75 10.85
N HIS D 2 8.66 32.09 -3.07
CA HIS D 2 9.53 30.95 -3.49
C HIS D 2 9.95 31.05 -4.97
N PHE D 3 11.26 30.99 -5.20
CA PHE D 3 11.85 31.09 -6.53
C PHE D 3 11.34 30.02 -7.48
N ASP D 4 11.54 30.25 -8.77
CA ASP D 4 11.07 29.36 -9.84
C ASP D 4 11.96 28.17 -10.02
N TYR D 6 14.28 25.49 -11.45
CA TYR D 6 15.13 25.30 -12.66
C TYR D 6 14.73 24.01 -13.35
N LEU D 7 14.11 24.09 -14.53
CA LEU D 7 13.74 22.89 -15.27
C LEU D 7 14.98 22.34 -15.96
N ILE D 8 15.37 21.10 -15.64
CA ILE D 8 16.60 20.60 -16.22
C ILE D 8 16.43 19.82 -17.50
N ARG D 9 15.60 20.31 -18.42
CA ARG D 9 15.44 19.62 -19.68
C ARG D 9 14.84 20.54 -20.73
N PRO E 29 -12.47 9.17 -21.57
CA PRO E 29 -12.41 8.08 -20.55
C PRO E 29 -13.75 7.35 -20.49
N TRP E 30 -13.93 6.41 -21.40
CA TRP E 30 -15.20 5.70 -21.53
C TRP E 30 -15.34 4.60 -20.48
N ALA E 31 -14.23 4.04 -20.06
CA ALA E 31 -14.30 3.00 -19.05
C ALA E 31 -13.18 3.11 -18.06
N ARG E 32 -13.38 2.50 -16.91
CA ARG E 32 -12.37 2.54 -15.87
C ARG E 32 -12.15 1.15 -15.32
N LEU E 33 -10.91 0.81 -15.02
CA LEU E 33 -10.60 -0.46 -14.37
C LEU E 33 -10.11 -0.20 -12.95
N TRP E 34 -10.76 -0.83 -11.98
CA TRP E 34 -10.37 -0.68 -10.58
C TRP E 34 -9.62 -1.94 -10.13
N ALA E 35 -8.38 -1.76 -9.67
CA ALA E 35 -7.56 -2.87 -9.19
C ALA E 35 -8.02 -3.43 -7.85
N LEU E 36 -8.21 -4.75 -7.82
CA LEU E 36 -8.70 -5.36 -6.62
C LEU E 36 -7.60 -6.06 -5.84
N GLN E 37 -6.41 -6.09 -6.40
CA GLN E 37 -5.33 -6.82 -5.78
C GLN E 37 -4.07 -5.93 -5.70
N ASP E 38 -3.31 -6.06 -4.63
CA ASP E 38 -2.05 -5.36 -4.53
C ASP E 38 -1.14 -5.83 -5.64
N GLY E 39 -0.38 -4.92 -6.24
CA GLY E 39 0.49 -5.30 -7.33
C GLY E 39 -0.09 -4.90 -8.68
N PHE E 40 -1.30 -4.38 -8.67
CA PHE E 40 -1.85 -3.86 -9.91
C PHE E 40 -2.22 -2.41 -9.68
N ALA E 41 -2.11 -1.64 -10.76
CA ALA E 41 -2.44 -0.22 -10.73
C ALA E 41 -3.82 -0.03 -11.32
N ASN E 42 -4.49 1.04 -10.94
CA ASN E 42 -5.78 1.36 -11.54
C ASN E 42 -5.60 1.78 -13.00
N LEU E 43 -6.66 1.72 -13.79
CA LEU E 43 -6.59 2.13 -15.19
C LEU E 43 -7.75 3.01 -15.67
N GLU E 44 -7.42 4.12 -16.33
CA GLU E 44 -8.43 4.94 -16.99
C GLU E 44 -8.38 4.61 -18.47
N CYS E 45 -9.47 4.07 -19.01
CA CYS E 45 -9.51 3.74 -20.43
C CYS E 45 -9.77 5.00 -21.24
N VAL E 46 -8.77 5.38 -22.02
CA VAL E 46 -8.91 6.55 -22.87
C VAL E 46 -8.96 6.07 -24.31
N ASN E 47 -7.89 5.42 -24.74
CA ASN E 47 -7.81 4.94 -26.11
C ASN E 47 -8.85 3.85 -26.37
N ASP E 48 -8.97 3.44 -27.63
CA ASP E 48 -9.97 2.44 -28.02
C ASP E 48 -9.52 1.00 -27.78
N ASN E 49 -8.30 0.80 -27.30
CA ASN E 49 -7.81 -0.54 -27.06
C ASN E 49 -6.63 -0.62 -26.10
N TYR E 50 -6.64 -1.63 -25.24
CA TYR E 50 -5.59 -1.83 -24.25
C TYR E 50 -5.23 -3.31 -24.14
N TRP E 51 -3.93 -3.59 -24.04
CA TRP E 51 -3.45 -4.96 -23.85
C TRP E 51 -2.92 -5.18 -22.43
N PHE E 52 -3.33 -6.27 -21.81
CA PHE E 52 -2.87 -6.61 -20.48
C PHE E 52 -2.07 -7.89 -20.59
N GLY E 53 -0.88 -7.90 -20.02
CA GLY E 53 -0.03 -9.07 -20.09
C GLY E 53 1.35 -8.80 -19.55
N ARG E 54 2.21 -9.81 -19.59
CA ARG E 54 3.57 -9.64 -19.07
C ARG E 54 4.49 -9.00 -20.10
N ASP E 55 4.33 -9.35 -21.36
CA ASP E 55 5.14 -8.76 -22.41
C ASP E 55 5.11 -7.24 -22.27
N LYS E 56 6.24 -6.59 -22.53
CA LYS E 56 6.26 -5.14 -22.44
C LYS E 56 5.58 -4.56 -23.69
N SER E 57 5.24 -5.44 -24.63
CA SER E 57 4.56 -5.01 -25.86
C SER E 57 3.13 -4.64 -25.52
N CYS E 58 2.89 -4.46 -24.22
CA CYS E 58 1.58 -4.16 -23.66
C CYS E 58 1.46 -2.75 -23.07
N GLU E 59 0.23 -2.24 -23.01
CA GLU E 59 -0.08 -0.94 -22.44
C GLU E 59 -0.11 -1.06 -20.91
N TYR E 60 -1.04 -1.85 -20.42
CA TYR E 60 -1.06 -2.20 -18.99
C TYR E 60 -0.18 -3.42 -18.93
N CYS E 61 0.96 -3.32 -18.26
CA CYS E 61 1.83 -4.47 -18.26
C CYS E 61 2.14 -5.04 -16.91
N PHE E 62 1.67 -6.26 -16.69
CA PHE E 62 1.99 -6.96 -15.47
C PHE E 62 3.49 -6.94 -15.43
N ASP E 63 4.07 -6.07 -14.61
CA ASP E 63 5.52 -5.99 -14.56
C ASP E 63 5.99 -5.10 -13.43
N GLU E 64 5.05 -4.56 -12.68
CA GLU E 64 5.40 -3.75 -11.55
C GLU E 64 6.17 -4.66 -10.61
N PRO E 65 7.20 -4.11 -9.96
CA PRO E 65 8.08 -4.87 -9.06
C PRO E 65 7.34 -5.87 -8.17
N LEU E 66 7.01 -5.47 -6.96
CA LEU E 66 6.31 -6.31 -5.99
C LEU E 66 5.73 -7.61 -6.55
N LEU E 67 4.90 -7.48 -7.58
CA LEU E 67 4.25 -8.63 -8.21
C LEU E 67 5.27 -9.70 -8.59
N LYS E 68 5.91 -9.51 -9.73
CA LYS E 68 6.92 -10.43 -10.24
C LYS E 68 7.14 -11.65 -9.35
N ARG E 69 7.82 -11.49 -8.23
CA ARG E 69 8.04 -12.64 -7.35
C ARG E 69 6.78 -13.11 -6.60
N THR E 70 5.85 -13.76 -7.30
CA THR E 70 4.63 -14.28 -6.66
C THR E 70 4.14 -15.64 -7.14
N ASP E 71 4.81 -16.23 -8.12
CA ASP E 71 4.34 -17.51 -8.66
C ASP E 71 3.11 -17.25 -9.52
N LYS E 72 2.05 -16.76 -8.90
CA LYS E 72 0.81 -16.48 -9.61
C LYS E 72 1.12 -15.59 -10.82
N TYR E 73 2.05 -14.66 -10.64
CA TYR E 73 2.55 -13.82 -11.72
C TYR E 73 3.02 -14.71 -12.87
N ARG E 74 3.59 -15.85 -12.50
CA ARG E 74 4.12 -16.80 -13.46
C ARG E 74 3.07 -17.60 -14.25
N THR E 75 1.79 -17.39 -13.95
CA THR E 75 0.75 -18.08 -14.71
C THR E 75 0.07 -17.10 -15.63
N TYR E 76 0.53 -15.85 -15.62
CA TYR E 76 -0.02 -14.82 -16.49
C TYR E 76 0.67 -14.88 -17.85
N SER E 77 -0.08 -14.66 -18.92
CA SER E 77 0.47 -14.71 -20.27
C SER E 77 1.24 -13.45 -20.70
N LYS E 78 2.10 -13.61 -21.71
CA LYS E 78 2.83 -12.49 -22.27
C LYS E 78 1.80 -11.52 -22.85
N LYS E 79 0.80 -12.09 -23.50
CA LYS E 79 -0.34 -11.35 -24.01
C LYS E 79 -1.53 -12.10 -23.43
N HIS E 80 -2.07 -11.59 -22.33
CA HIS E 80 -3.14 -12.29 -21.62
C HIS E 80 -4.53 -12.00 -22.17
N PHE E 81 -4.87 -10.72 -22.27
CA PHE E 81 -6.16 -10.33 -22.82
C PHE E 81 -6.16 -8.88 -23.25
N ARG E 82 -7.24 -8.48 -23.92
CA ARG E 82 -7.40 -7.10 -24.33
C ARG E 82 -8.82 -6.59 -24.10
N ILE E 83 -8.93 -5.29 -23.92
CA ILE E 83 -10.21 -4.65 -23.76
C ILE E 83 -10.27 -3.58 -24.83
N PHE E 84 -11.36 -3.54 -25.59
CA PHE E 84 -11.51 -2.57 -26.66
C PHE E 84 -12.94 -2.12 -26.92
N ARG E 85 -13.06 -0.98 -27.59
CA ARG E 85 -14.32 -0.38 -28.01
C ARG E 85 -14.54 -0.66 -29.48
N GLU E 86 -15.63 -1.32 -29.83
CA GLU E 86 -15.88 -1.65 -31.23
C GLU E 86 -17.34 -1.46 -31.60
N VAL E 87 -17.64 -0.28 -32.15
CA VAL E 87 -18.97 0.13 -32.59
C VAL E 87 -20.11 -0.88 -32.50
N GLY E 88 -20.89 -1.03 -33.59
CA GLY E 88 -21.99 -1.96 -33.61
C GLY E 88 -23.22 -1.44 -34.32
N PRO E 89 -24.01 -2.36 -34.87
CA PRO E 89 -25.19 -2.06 -35.67
C PRO E 89 -25.79 -0.65 -35.50
N LYS E 90 -26.26 -0.34 -34.31
CA LYS E 90 -26.88 0.96 -34.06
C LYS E 90 -25.79 2.01 -33.80
N ASN E 91 -24.68 1.89 -34.52
CA ASN E 91 -23.53 2.75 -34.31
C ASN E 91 -23.39 3.09 -32.84
N SER E 92 -23.66 2.07 -32.03
CA SER E 92 -23.53 2.14 -30.60
C SER E 92 -22.20 1.50 -30.26
N TYR E 93 -21.24 2.31 -29.87
CA TYR E 93 -19.91 1.85 -29.48
C TYR E 93 -20.03 0.83 -28.34
N ILE E 94 -20.14 -0.46 -28.64
CA ILE E 94 -20.27 -1.50 -27.60
C ILE E 94 -18.93 -1.92 -26.93
N ALA E 95 -19.00 -2.41 -25.69
CA ALA E 95 -17.80 -2.82 -24.95
C ALA E 95 -17.47 -4.31 -25.06
N TYR E 96 -16.17 -4.63 -25.21
CA TYR E 96 -15.78 -6.02 -25.39
C TYR E 96 -14.52 -6.40 -24.62
N ILE E 97 -14.37 -7.71 -24.39
CA ILE E 97 -13.20 -8.27 -23.75
C ILE E 97 -12.88 -9.55 -24.51
N GLU E 98 -11.61 -9.81 -24.75
CA GLU E 98 -11.25 -11.01 -25.49
C GLU E 98 -10.10 -11.70 -24.81
N ASP E 99 -10.25 -13.00 -24.58
CA ASP E 99 -9.21 -13.79 -23.91
C ASP E 99 -8.19 -14.44 -24.85
N HIS E 100 -6.92 -14.17 -24.59
CA HIS E 100 -5.81 -14.72 -25.38
C HIS E 100 -4.81 -15.44 -24.49
N SER E 101 -5.26 -15.86 -23.31
CA SER E 101 -4.38 -16.47 -22.31
C SER E 101 -4.35 -17.99 -22.29
N GLY E 102 -3.20 -18.52 -21.88
CA GLY E 102 -3.04 -19.96 -21.75
C GLY E 102 -3.89 -20.48 -20.61
N ASN E 103 -3.73 -19.88 -19.43
CA ASN E 103 -4.43 -20.36 -18.24
C ASN E 103 -5.87 -19.88 -18.12
N GLY E 104 -6.25 -18.90 -18.95
CA GLY E 104 -7.63 -18.45 -18.98
C GLY E 104 -7.98 -17.14 -18.30
N THR E 105 -9.11 -16.58 -18.73
CA THR E 105 -9.59 -15.34 -18.13
C THR E 105 -11.05 -15.53 -17.75
N PHE E 106 -11.45 -14.96 -16.62
CA PHE E 106 -12.80 -15.17 -16.14
C PHE E 106 -13.51 -13.88 -15.87
N VAL E 107 -14.68 -13.75 -16.49
CA VAL E 107 -15.51 -12.59 -16.26
C VAL E 107 -16.59 -13.09 -15.31
N ASN E 108 -16.64 -12.48 -14.13
CA ASN E 108 -17.61 -12.91 -13.14
C ASN E 108 -17.57 -14.40 -12.86
N THR E 109 -16.38 -14.95 -12.68
CA THR E 109 -16.29 -16.36 -12.32
C THR E 109 -16.55 -17.26 -13.51
N GLU E 110 -17.04 -16.71 -14.62
CA GLU E 110 -17.33 -17.50 -15.80
C GLU E 110 -16.30 -17.37 -16.94
N LEU E 111 -15.40 -18.36 -17.04
CA LEU E 111 -14.36 -18.38 -18.06
C LEU E 111 -14.80 -17.82 -19.41
N VAL E 112 -13.99 -16.90 -19.94
CA VAL E 112 -14.26 -16.35 -21.25
C VAL E 112 -13.96 -17.40 -22.31
N GLY E 113 -12.68 -17.69 -22.50
CA GLY E 113 -12.23 -18.67 -23.47
C GLY E 113 -11.19 -18.13 -24.44
N LYS E 114 -10.13 -18.90 -24.66
CA LYS E 114 -9.06 -18.45 -25.57
C LYS E 114 -9.59 -18.20 -26.97
N GLY E 115 -9.33 -17.00 -27.48
CA GLY E 115 -9.80 -16.63 -28.80
C GLY E 115 -11.29 -16.32 -28.75
N LYS E 116 -11.95 -16.82 -27.71
CA LYS E 116 -13.39 -16.63 -27.54
C LYS E 116 -13.73 -15.27 -26.95
N ARG E 117 -14.06 -14.30 -27.80
CA ARG E 117 -14.38 -12.96 -27.32
C ARG E 117 -15.78 -12.90 -26.72
N ARG E 118 -16.05 -11.84 -25.97
CA ARG E 118 -17.31 -11.70 -25.24
C ARG E 118 -17.52 -10.24 -24.82
N PRO E 119 -18.77 -9.78 -24.83
CA PRO E 119 -19.07 -8.40 -24.44
C PRO E 119 -18.62 -8.14 -23.02
N LEU E 120 -18.37 -6.88 -22.67
CA LEU E 120 -17.87 -6.56 -21.34
C LEU E 120 -18.68 -5.41 -20.79
N ASN E 121 -19.54 -5.69 -19.82
CA ASN E 121 -20.39 -4.66 -19.29
C ASN E 121 -20.22 -4.36 -17.80
N ASN E 122 -20.81 -3.24 -17.38
CA ASN E 122 -20.69 -2.72 -16.02
C ASN E 122 -20.54 -3.72 -14.85
N ASN E 123 -19.72 -3.35 -13.88
CA ASN E 123 -19.53 -4.17 -12.70
C ASN E 123 -18.95 -5.57 -12.96
N SER E 124 -18.33 -5.77 -14.11
CA SER E 124 -17.77 -7.08 -14.44
C SER E 124 -16.42 -7.26 -13.78
N GLU E 125 -16.21 -8.42 -13.18
CA GLU E 125 -14.97 -8.72 -12.50
C GLU E 125 -14.09 -9.63 -13.33
N ILE E 126 -12.89 -9.16 -13.65
CA ILE E 126 -11.96 -9.97 -14.44
C ILE E 126 -11.10 -10.80 -13.50
N ALA E 127 -10.98 -12.09 -13.78
CA ALA E 127 -10.12 -12.94 -12.98
C ALA E 127 -9.08 -13.55 -13.89
N LEU E 128 -7.90 -13.82 -13.34
CA LEU E 128 -6.82 -14.38 -14.14
C LEU E 128 -6.45 -15.81 -13.74
N SER E 129 -6.50 -16.71 -14.72
CA SER E 129 -6.06 -18.09 -14.54
C SER E 129 -6.95 -18.92 -13.65
N LEU E 130 -7.28 -18.43 -12.48
CA LEU E 130 -8.23 -19.14 -11.63
C LEU E 130 -9.50 -18.31 -11.61
N SER E 131 -10.66 -18.97 -11.57
CA SER E 131 -11.95 -18.29 -11.61
C SER E 131 -12.21 -17.39 -10.40
N ARG E 132 -11.43 -17.57 -9.34
CA ARG E 132 -11.68 -16.84 -8.12
C ARG E 132 -10.66 -15.72 -7.96
N ASN E 133 -9.69 -15.71 -8.85
CA ASN E 133 -8.61 -14.72 -8.76
C ASN E 133 -8.95 -13.34 -9.31
N LYS E 134 -9.91 -12.66 -8.67
CA LYS E 134 -10.34 -11.33 -9.06
C LYS E 134 -9.18 -10.38 -9.13
N VAL E 135 -9.01 -9.70 -10.25
CA VAL E 135 -7.95 -8.71 -10.31
C VAL E 135 -8.48 -7.31 -10.64
N PHE E 136 -9.45 -7.23 -11.54
CA PHE E 136 -10.01 -5.93 -11.89
C PHE E 136 -11.54 -5.92 -11.83
N VAL E 137 -12.14 -4.77 -11.54
CA VAL E 137 -13.58 -4.60 -11.73
C VAL E 137 -13.71 -3.59 -12.86
N PHE E 138 -14.56 -3.92 -13.83
CA PHE E 138 -14.75 -3.07 -14.98
C PHE E 138 -15.89 -2.09 -14.75
N PHE E 139 -15.64 -0.81 -15.00
CA PHE E 139 -16.68 0.21 -14.85
C PHE E 139 -16.92 0.91 -16.18
N ASP E 140 -18.17 0.93 -16.62
CA ASP E 140 -18.53 1.60 -17.86
C ASP E 140 -18.91 3.04 -17.53
N LEU E 141 -18.39 4.00 -18.29
CA LEU E 141 -18.68 5.41 -18.02
C LEU E 141 -19.67 6.01 -19.02
N THR E 142 -20.17 5.15 -19.92
CA THR E 142 -21.19 5.55 -20.89
C THR E 142 -22.45 6.00 -20.17
N VAL E 143 -23.08 5.07 -19.47
CA VAL E 143 -24.32 5.29 -18.70
C VAL E 143 -24.43 6.65 -18.01
N ASP E 144 -23.43 6.99 -17.20
CA ASP E 144 -23.41 8.24 -16.42
C ASP E 144 -24.38 9.31 -16.93
N HIS F 2 11.78 -12.34 -20.99
CA HIS F 2 10.56 -12.81 -20.27
C HIS F 2 10.23 -14.25 -20.64
N PHE F 3 10.13 -15.11 -19.63
CA PHE F 3 9.93 -16.54 -19.80
C PHE F 3 8.61 -17.02 -20.42
N ASP F 4 8.33 -18.31 -20.24
CA ASP F 4 7.11 -18.95 -20.72
C ASP F 4 6.09 -19.10 -19.58
N TYR F 6 3.64 -20.56 -16.93
CA TYR F 6 3.39 -21.81 -16.19
C TYR F 6 1.92 -22.19 -16.34
N LEU F 7 1.67 -23.25 -17.09
CA LEU F 7 0.33 -23.75 -17.28
C LEU F 7 -0.03 -24.60 -16.07
N ILE F 8 -1.15 -24.32 -15.43
CA ILE F 8 -1.47 -25.05 -14.22
C ILE F 8 -2.59 -26.07 -14.38
N ARG F 9 -3.15 -26.14 -15.58
CA ARG F 9 -4.22 -27.09 -15.87
C ARG F 9 -3.80 -28.54 -15.58
N PRO G 29 -31.04 23.99 14.22
CA PRO G 29 -29.94 23.11 13.75
C PRO G 29 -29.53 22.23 14.93
N TRP G 30 -29.66 20.92 14.78
CA TRP G 30 -29.43 20.02 15.89
C TRP G 30 -28.27 19.08 15.68
N ALA G 31 -27.77 19.01 14.45
CA ALA G 31 -26.66 18.14 14.15
C ALA G 31 -25.78 18.69 13.04
N ARG G 32 -24.55 18.19 13.00
CA ARG G 32 -23.59 18.61 12.00
C ARG G 32 -22.86 17.36 11.50
N LEU G 33 -22.68 17.29 10.19
CA LEU G 33 -21.90 16.21 9.60
C LEU G 33 -20.59 16.81 9.09
N TRP G 34 -19.48 16.24 9.54
CA TRP G 34 -18.16 16.69 9.13
C TRP G 34 -17.57 15.70 8.13
N ALA G 35 -17.46 16.12 6.88
CA ALA G 35 -16.88 15.29 5.83
C ALA G 35 -15.40 15.04 6.11
N LEU G 36 -14.99 13.78 6.07
CA LEU G 36 -13.59 13.47 6.32
C LEU G 36 -12.78 13.16 5.06
N GLN G 37 -13.45 13.21 3.91
CA GLN G 37 -12.88 12.81 2.63
C GLN G 37 -13.24 13.88 1.66
N ASP G 38 -12.33 14.21 0.76
CA ASP G 38 -12.59 15.21 -0.26
C ASP G 38 -13.68 14.61 -1.11
N GLY G 39 -14.63 15.43 -1.56
CA GLY G 39 -15.72 14.94 -2.39
C GLY G 39 -17.09 14.95 -1.75
N PHE G 40 -17.14 15.23 -0.46
CA PHE G 40 -18.39 15.28 0.27
C PHE G 40 -18.49 16.63 0.93
N ALA G 41 -19.69 17.20 0.99
CA ALA G 41 -19.89 18.50 1.64
C ALA G 41 -20.38 18.30 3.05
N ASN G 42 -20.12 19.26 3.92
CA ASN G 42 -20.63 19.21 5.29
C ASN G 42 -22.13 19.39 5.26
N LEU G 43 -22.79 19.05 6.37
CA LEU G 43 -24.25 19.17 6.45
C LEU G 43 -24.75 19.59 7.82
N GLU G 44 -25.65 20.57 7.81
CA GLU G 44 -26.31 21.02 9.02
C GLU G 44 -27.71 20.41 9.04
N CYS G 45 -28.02 19.60 10.05
CA CYS G 45 -29.33 18.96 10.12
C CYS G 45 -30.36 19.88 10.73
N VAL G 46 -31.31 20.29 9.91
CA VAL G 46 -32.38 21.15 10.34
C VAL G 46 -33.69 20.38 10.36
N ASN G 47 -34.05 19.80 9.23
CA ASN G 47 -35.29 19.02 9.15
C ASN G 47 -35.18 17.70 9.92
N ASP G 48 -36.29 16.98 10.00
CA ASP G 48 -36.36 15.74 10.77
C ASP G 48 -35.85 14.53 9.99
N ASN G 49 -35.55 14.72 8.72
CA ASN G 49 -35.12 13.60 7.91
C ASN G 49 -34.26 13.95 6.69
N TYR G 50 -33.19 13.19 6.46
CA TYR G 50 -32.31 13.43 5.33
C TYR G 50 -31.89 12.14 4.65
N TRP G 51 -31.99 12.08 3.33
CA TRP G 51 -31.55 10.90 2.60
C TRP G 51 -30.20 11.17 1.94
N PHE G 52 -29.30 10.18 2.04
CA PHE G 52 -27.97 10.26 1.48
C PHE G 52 -27.86 9.22 0.42
N GLY G 53 -27.40 9.60 -0.76
CA GLY G 53 -27.26 8.65 -1.84
C GLY G 53 -27.03 9.30 -3.19
N ARG G 54 -27.00 8.48 -4.23
CA ARG G 54 -26.70 9.01 -5.55
C ARG G 54 -27.91 9.63 -6.24
N ASP G 55 -29.10 9.19 -5.88
CA ASP G 55 -30.32 9.71 -6.48
C ASP G 55 -30.47 11.21 -6.23
N LYS G 56 -30.71 11.98 -7.29
CA LYS G 56 -30.85 13.44 -7.17
C LYS G 56 -31.89 13.89 -6.15
N SER G 57 -32.83 13.01 -5.83
CA SER G 57 -33.87 13.28 -4.85
C SER G 57 -33.44 13.02 -3.41
N CYS G 58 -32.17 13.29 -3.08
CA CYS G 58 -31.67 13.07 -1.72
C CYS G 58 -31.29 14.39 -1.07
N GLU G 59 -31.82 14.69 0.11
CA GLU G 59 -31.46 15.95 0.77
C GLU G 59 -29.94 16.17 0.74
N TYR G 60 -29.20 15.06 0.70
CA TYR G 60 -27.76 15.09 0.60
C TYR G 60 -27.38 14.18 -0.54
N CYS G 61 -26.82 14.73 -1.59
CA CYS G 61 -26.53 13.93 -2.76
C CYS G 61 -25.04 13.83 -3.00
N PHE G 62 -24.58 12.61 -3.28
CA PHE G 62 -23.18 12.36 -3.61
C PHE G 62 -22.93 12.75 -5.06
N ASP G 63 -22.50 13.98 -5.29
CA ASP G 63 -22.25 14.44 -6.66
C ASP G 63 -21.09 15.40 -6.89
N GLU G 64 -20.34 15.78 -5.84
CA GLU G 64 -19.18 16.63 -6.07
C GLU G 64 -18.41 15.95 -7.20
N PRO G 65 -18.19 16.69 -8.29
CA PRO G 65 -17.60 16.13 -9.51
C PRO G 65 -16.35 15.29 -9.32
N LEU G 66 -15.57 15.58 -8.29
CA LEU G 66 -14.34 14.85 -8.05
C LEU G 66 -14.60 13.53 -7.35
N LEU G 67 -15.76 13.45 -6.72
CA LEU G 67 -16.17 12.25 -6.01
C LEU G 67 -16.65 11.25 -7.05
N LYS G 68 -17.35 11.74 -8.05
CA LYS G 68 -17.87 10.91 -9.14
C LYS G 68 -16.80 10.16 -9.93
N ARG G 69 -15.51 10.42 -9.67
CA ARG G 69 -14.44 9.74 -10.41
C ARG G 69 -13.62 8.79 -9.56
N THR G 70 -13.97 8.65 -8.28
CA THR G 70 -13.16 7.87 -7.35
C THR G 70 -13.29 6.34 -7.31
N ASP G 71 -14.21 5.72 -8.03
CA ASP G 71 -14.28 4.25 -7.92
C ASP G 71 -15.03 3.78 -6.68
N LYS G 72 -14.55 4.10 -5.49
CA LYS G 72 -15.34 3.76 -4.33
C LYS G 72 -16.75 4.28 -4.57
N TYR G 73 -16.82 5.43 -5.23
CA TYR G 73 -18.09 6.06 -5.55
C TYR G 73 -19.06 5.07 -6.20
N ARG G 74 -18.52 4.13 -6.99
CA ARG G 74 -19.36 3.15 -7.65
C ARG G 74 -20.00 2.19 -6.65
N THR G 75 -19.48 2.17 -5.42
CA THR G 75 -20.01 1.22 -4.46
C THR G 75 -21.10 1.85 -3.58
N TYR G 76 -21.34 3.13 -3.77
CA TYR G 76 -22.36 3.85 -3.02
C TYR G 76 -23.71 3.61 -3.67
N SER G 77 -24.75 3.42 -2.85
CA SER G 77 -26.07 3.16 -3.37
C SER G 77 -26.83 4.42 -3.81
N LYS G 78 -27.88 4.26 -4.63
CA LYS G 78 -28.70 5.39 -5.06
C LYS G 78 -29.33 6.02 -3.81
N LYS G 79 -29.75 5.14 -2.91
CA LYS G 79 -30.27 5.54 -1.62
C LYS G 79 -29.43 4.79 -0.62
N HIS G 80 -28.42 5.46 -0.09
CA HIS G 80 -27.52 4.75 0.80
C HIS G 80 -28.03 4.63 2.23
N PHE G 81 -28.31 5.76 2.86
CA PHE G 81 -28.78 5.74 4.24
C PHE G 81 -29.47 7.05 4.55
N ARG G 82 -30.09 7.12 5.71
CA ARG G 82 -30.77 8.33 6.12
C ARG G 82 -30.60 8.61 7.60
N ILE G 83 -30.56 9.88 7.95
CA ILE G 83 -30.41 10.28 9.32
C ILE G 83 -31.62 11.09 9.69
N PHE G 84 -32.23 10.77 10.82
CA PHE G 84 -33.40 11.49 11.22
C PHE G 84 -33.51 11.50 12.72
N ARG G 85 -34.25 12.47 13.24
CA ARG G 85 -34.51 12.56 14.67
C ARG G 85 -35.98 12.20 14.91
N GLU G 86 -36.30 11.76 16.11
CA GLU G 86 -37.64 11.28 16.38
C GLU G 86 -37.88 11.30 17.89
N VAL G 87 -38.97 11.94 18.31
CA VAL G 87 -39.30 12.03 19.74
C VAL G 87 -39.31 10.68 20.47
N GLY G 88 -38.41 10.52 21.42
CA GLY G 88 -38.30 9.28 22.16
C GLY G 88 -39.13 9.25 23.43
N PRO G 89 -39.20 8.06 24.04
CA PRO G 89 -40.00 7.84 25.25
C PRO G 89 -39.71 8.83 26.40
N LYS G 90 -38.46 9.02 26.75
CA LYS G 90 -38.10 9.94 27.83
C LYS G 90 -38.45 11.39 27.49
N ASN G 91 -39.58 11.61 26.85
CA ASN G 91 -39.96 12.96 26.41
C ASN G 91 -38.76 13.73 25.86
N SER G 92 -38.44 13.52 24.58
CA SER G 92 -37.25 14.14 23.99
C SER G 92 -37.03 13.82 22.50
N TYR G 93 -35.85 14.13 22.00
CA TYR G 93 -35.54 13.91 20.59
C TYR G 93 -34.37 12.95 20.46
N ILE G 94 -34.55 11.87 19.72
CA ILE G 94 -33.44 10.96 19.50
C ILE G 94 -33.12 10.75 18.02
N ALA G 95 -31.89 11.05 17.63
CA ALA G 95 -31.46 10.86 16.24
C ALA G 95 -31.14 9.41 15.95
N TYR G 96 -31.56 8.95 14.77
CA TYR G 96 -31.28 7.58 14.35
C TYR G 96 -30.63 7.55 12.97
N ILE G 97 -29.92 6.45 12.68
CA ILE G 97 -29.39 6.20 11.35
C ILE G 97 -29.98 4.86 10.89
N GLU G 98 -30.42 4.84 9.64
CA GLU G 98 -31.00 3.64 9.04
C GLU G 98 -30.34 3.35 7.70
N ASP G 99 -29.64 2.22 7.63
CA ASP G 99 -28.95 1.82 6.42
C ASP G 99 -29.97 1.28 5.42
N HIS G 100 -29.74 1.55 4.15
CA HIS G 100 -30.60 1.05 3.11
C HIS G 100 -29.74 0.61 1.95
N SER G 101 -28.44 0.49 2.20
CA SER G 101 -27.49 0.21 1.14
C SER G 101 -27.13 -1.25 0.89
N GLY G 102 -26.66 -1.52 -0.33
CA GLY G 102 -26.22 -2.85 -0.72
C GLY G 102 -24.88 -3.25 -0.12
N ASN G 103 -23.96 -2.29 -0.01
CA ASN G 103 -22.68 -2.60 0.58
C ASN G 103 -22.62 -2.27 2.05
N GLY G 104 -23.45 -1.34 2.49
CA GLY G 104 -23.45 -1.07 3.91
C GLY G 104 -23.18 0.32 4.42
N THR G 105 -23.76 0.58 5.58
CA THR G 105 -23.49 1.79 6.32
C THR G 105 -22.99 1.32 7.65
N PHE G 106 -21.82 1.81 8.00
CA PHE G 106 -21.16 1.41 9.23
C PHE G 106 -21.10 2.58 10.17
N VAL G 107 -21.28 2.30 11.45
CA VAL G 107 -21.13 3.30 12.49
C VAL G 107 -19.99 2.82 13.36
N ASN G 108 -19.00 3.69 13.53
CA ASN G 108 -17.84 3.32 14.30
C ASN G 108 -17.39 1.90 13.94
N THR G 109 -17.31 1.62 12.64
CA THR G 109 -16.84 0.33 12.19
C THR G 109 -17.88 -0.81 12.23
N GLU G 110 -18.90 -0.64 13.05
CA GLU G 110 -19.96 -1.62 13.21
C GLU G 110 -21.00 -1.49 12.10
N LEU G 111 -21.35 -2.60 11.47
CA LEU G 111 -22.37 -2.55 10.44
C LEU G 111 -23.80 -2.39 10.97
N VAL G 112 -24.52 -1.44 10.37
CA VAL G 112 -25.95 -1.22 10.64
C VAL G 112 -26.58 -1.88 9.46
N GLY G 113 -27.05 -3.09 9.56
CA GLY G 113 -27.46 -3.74 8.34
C GLY G 113 -28.52 -3.09 7.48
N LYS G 114 -28.74 -3.64 6.29
CA LYS G 114 -29.79 -3.12 5.44
C LYS G 114 -31.17 -3.29 6.08
N GLY G 115 -31.99 -2.25 5.99
CA GLY G 115 -33.31 -2.25 6.58
C GLY G 115 -33.29 -2.01 8.08
N LYS G 116 -32.11 -1.98 8.66
CA LYS G 116 -32.01 -1.82 10.10
C LYS G 116 -31.72 -0.37 10.52
N ARG G 117 -31.75 -0.14 11.82
CA ARG G 117 -31.51 1.20 12.34
C ARG G 117 -30.88 1.15 13.71
N ARG G 118 -30.31 2.28 14.12
CA ARG G 118 -29.58 2.33 15.37
C ARG G 118 -29.55 3.77 15.84
N PRO G 119 -29.66 3.97 17.15
CA PRO G 119 -29.59 5.32 17.70
C PRO G 119 -28.25 5.92 17.32
N LEU G 120 -28.22 7.16 16.86
CA LEU G 120 -26.98 7.80 16.45
C LEU G 120 -26.38 8.73 17.51
N ASN G 121 -25.16 8.44 17.94
CA ASN G 121 -24.54 9.26 18.98
C ASN G 121 -23.55 10.29 18.49
N ASN G 122 -23.31 11.29 19.33
CA ASN G 122 -22.32 12.29 19.07
C ASN G 122 -21.00 11.55 18.84
N ASN G 123 -20.06 12.19 18.16
CA ASN G 123 -18.74 11.61 17.94
C ASN G 123 -18.71 10.28 17.17
N SER G 124 -19.77 9.97 16.45
CA SER G 124 -19.79 8.74 15.71
C SER G 124 -19.32 8.94 14.29
N GLU G 125 -18.41 8.07 13.86
CA GLU G 125 -17.87 8.13 12.53
C GLU G 125 -18.70 7.21 11.66
N ILE G 126 -19.20 7.72 10.54
CA ILE G 126 -20.02 6.91 9.64
C ILE G 126 -19.17 6.51 8.45
N ALA G 127 -19.22 5.24 8.04
CA ALA G 127 -18.43 4.80 6.90
C ALA G 127 -19.30 4.19 5.84
N LEU G 128 -18.87 4.25 4.59
CA LEU G 128 -19.72 3.70 3.53
C LEU G 128 -19.04 2.59 2.75
N SER G 129 -19.75 1.47 2.61
CA SER G 129 -19.32 0.34 1.79
C SER G 129 -18.21 -0.55 2.37
N LEU G 130 -17.27 0.06 3.08
CA LEU G 130 -16.20 -0.69 3.71
C LEU G 130 -16.06 -0.12 5.12
N SER G 131 -16.06 -1.01 6.10
CA SER G 131 -16.00 -0.60 7.51
C SER G 131 -14.96 0.45 7.82
N ARG G 132 -13.93 0.57 7.00
CA ARG G 132 -12.88 1.51 7.35
C ARG G 132 -12.98 2.81 6.58
N ASN G 133 -13.84 2.83 5.58
CA ASN G 133 -14.00 3.98 4.72
C ASN G 133 -14.75 5.12 5.39
N LYS G 134 -14.11 5.75 6.37
CA LYS G 134 -14.68 6.87 7.13
C LYS G 134 -15.11 8.04 6.23
N VAL G 135 -16.39 8.34 6.16
CA VAL G 135 -16.77 9.49 5.35
C VAL G 135 -17.25 10.69 6.16
N PHE G 136 -17.98 10.43 7.22
CA PHE G 136 -18.61 11.49 8.00
C PHE G 136 -18.37 11.38 9.49
N VAL G 137 -18.53 12.49 10.17
CA VAL G 137 -18.52 12.48 11.63
C VAL G 137 -19.75 13.22 12.14
N PHE G 138 -20.53 12.54 12.97
CA PHE G 138 -21.78 13.08 13.47
C PHE G 138 -21.55 13.86 14.74
N PHE G 139 -22.03 15.10 14.77
CA PHE G 139 -21.89 15.95 15.94
C PHE G 139 -23.26 16.41 16.44
N ASP G 140 -23.61 15.96 17.63
CA ASP G 140 -24.88 16.35 18.22
C ASP G 140 -24.86 17.80 18.63
N LEU G 141 -25.65 18.61 17.93
CA LEU G 141 -25.80 20.01 18.29
C LEU G 141 -27.03 20.11 19.18
N THR G 142 -26.83 19.98 20.49
CA THR G 142 -27.93 20.07 21.45
C THR G 142 -27.28 20.34 22.79
N VAL G 143 -26.02 19.91 22.88
CA VAL G 143 -25.20 20.11 24.06
C VAL G 143 -24.24 21.25 23.72
N ASP G 144 -24.74 22.23 22.97
CA ASP G 144 -23.97 23.41 22.59
C ASP G 144 -23.77 24.28 23.82
N HIS H 2 -29.04 6.09 -13.87
CA HIS H 2 -28.12 5.73 -12.75
C HIS H 2 -27.56 4.30 -12.86
N PHE H 3 -26.26 4.16 -12.70
CA PHE H 3 -25.65 2.85 -12.79
C PHE H 3 -25.96 2.03 -11.54
N ASP H 4 -26.09 0.73 -11.70
CA ASP H 4 -26.36 -0.13 -10.57
C ASP H 4 -25.16 -0.14 -9.63
N TYR H 6 -22.08 -1.28 -7.65
CA TYR H 6 -21.13 -2.42 -7.61
C TYR H 6 -21.11 -2.95 -6.18
N LEU H 7 -21.60 -4.17 -5.98
CA LEU H 7 -21.56 -4.83 -4.68
C LEU H 7 -20.19 -5.47 -4.52
N ILE H 8 -19.42 -5.04 -3.52
CA ILE H 8 -18.05 -5.53 -3.34
C ILE H 8 -17.91 -6.95 -2.81
N ARG H 9 -18.87 -7.45 -2.06
CA ARG H 9 -18.74 -8.79 -1.50
C ARG H 9 -19.14 -9.93 -2.46
#